data_3TX8
#
_entry.id   3TX8
#
_cell.length_a   82.901
_cell.length_b   82.901
_cell.length_c   364.175
_cell.angle_alpha   90.000
_cell.angle_beta   90.000
_cell.angle_gamma   120.000
#
_symmetry.space_group_name_H-M   'P 65 2 2'
#
loop_
_entity.id
_entity.type
_entity.pdbx_description
1 polymer 'Succinyl-diaminopimelate desuccinylase'
2 non-polymer 'PHOSPHATE ION'
3 non-polymer 'CHLORIDE ION'
#
_entity_poly.entity_id   1
_entity_poly.type   'polypeptide(L)'
_entity_poly.pdbx_seq_one_letter_code
;G(MSE)NSNQPGLDLLGDPIVLTQRLVDIPSPSGQEKQIADEIEDALRNLNLPGVEVFRFNNNVLARTNRGLASRV
(MSE)LAGHIDTVPIADNLPSRVEDGI(MSE)YGCGTVD(MSE)KSGLAVYLHTFATLATSTELKHDLTLIAYECEEVAD
HLNGLGHIRDEHPEWLAADLALLGEPTGGWIEAGCQGNLRIKVTAHGVRAHSARSWLGDNA(MSE)HKLSPIISKVAAYK
AAEVNIDGLTYREGLNIVFCESGVANNVIPDLAW(MSE)NLNFRFAPNRDLNEAIEHVVETLELDGQDGIEWAVEDGAGG
ALPGLGQQVTSGLIDAVGREKIRAKFGWTDVSRFSA(MSE)GIPALNFGAGDPSFAHKRDEQCPVEQITDVAAILKQYLS
E
;
_entity_poly.pdbx_strand_id   A
#
# COMPACT_ATOMS: atom_id res chain seq x y z
N ASP A 10 6.42 18.95 -18.93
CA ASP A 10 5.40 18.61 -17.95
C ASP A 10 4.47 19.79 -17.70
N LEU A 11 3.18 19.60 -17.95
CA LEU A 11 2.23 20.70 -17.83
C LEU A 11 1.93 21.07 -16.37
N LEU A 12 1.17 20.21 -15.69
CA LEU A 12 0.67 20.51 -14.35
C LEU A 12 -0.47 21.53 -14.42
N GLY A 13 -0.74 22.03 -15.62
CA GLY A 13 -1.86 22.92 -15.86
C GLY A 13 -3.12 22.13 -16.19
N ASP A 14 -2.94 20.93 -16.74
CA ASP A 14 -4.04 20.01 -17.03
C ASP A 14 -3.75 18.62 -16.45
N PRO A 15 -4.78 17.92 -15.97
CA PRO A 15 -4.66 16.61 -15.32
C PRO A 15 -4.50 15.44 -16.29
N ILE A 16 -5.34 15.37 -17.32
CA ILE A 16 -5.32 14.25 -18.25
C ILE A 16 -4.07 14.24 -19.14
N VAL A 17 -3.63 15.44 -19.53
CA VAL A 17 -2.42 15.57 -20.34
C VAL A 17 -1.21 15.06 -19.57
N LEU A 18 -1.08 15.51 -18.34
CA LEU A 18 0.02 15.11 -17.47
C LEU A 18 0.09 13.60 -17.33
N THR A 19 -1.08 12.97 -17.27
CA THR A 19 -1.15 11.52 -17.16
C THR A 19 -0.54 10.85 -18.38
N GLN A 20 -1.05 11.20 -19.56
CA GLN A 20 -0.56 10.63 -20.81
C GLN A 20 0.89 11.03 -21.03
N ARG A 21 1.34 12.03 -20.30
CA ARG A 21 2.72 12.50 -20.39
C ARG A 21 3.62 11.67 -19.48
N LEU A 22 3.13 11.38 -18.27
CA LEU A 22 3.87 10.59 -17.30
C LEU A 22 3.92 9.11 -17.70
N VAL A 23 2.89 8.68 -18.41
CA VAL A 23 2.82 7.29 -18.87
C VAL A 23 3.82 7.05 -20.00
N ASP A 24 3.93 8.01 -20.89
CA ASP A 24 4.85 7.90 -22.03
C ASP A 24 6.31 7.97 -21.59
N ILE A 25 6.53 8.35 -20.34
CA ILE A 25 7.88 8.32 -19.76
C ILE A 25 8.08 7.01 -19.02
N PRO A 26 8.78 6.06 -19.65
CA PRO A 26 8.96 4.70 -19.11
C PRO A 26 9.66 4.71 -17.75
N SER A 27 9.00 4.16 -16.72
CA SER A 27 9.58 4.14 -15.39
C SER A 27 9.37 2.82 -14.65
N PRO A 28 9.83 1.71 -15.24
CA PRO A 28 9.83 0.44 -14.53
C PRO A 28 10.85 0.46 -13.40
N SER A 29 10.51 -0.16 -12.28
CA SER A 29 11.34 -0.09 -11.07
C SER A 29 12.84 -0.12 -11.37
N GLY A 30 13.56 0.85 -10.80
CA GLY A 30 15.00 0.93 -10.98
C GLY A 30 15.39 1.96 -12.02
N GLN A 31 14.47 2.28 -12.92
CA GLN A 31 14.73 3.25 -13.98
C GLN A 31 13.79 4.45 -13.87
N GLU A 32 13.35 4.76 -12.66
CA GLU A 32 12.47 5.91 -12.45
C GLU A 32 13.27 7.22 -12.53
N LYS A 33 14.56 7.10 -12.83
CA LYS A 33 15.46 8.25 -12.91
C LYS A 33 14.86 9.41 -13.70
N GLN A 34 14.53 9.17 -14.97
CA GLN A 34 14.06 10.25 -15.83
C GLN A 34 12.77 10.88 -15.32
N ILE A 35 11.71 10.07 -15.19
CA ILE A 35 10.43 10.58 -14.71
C ILE A 35 10.58 11.35 -13.41
N ALA A 36 11.56 10.97 -12.60
CA ALA A 36 11.82 11.67 -11.35
C ALA A 36 12.44 13.04 -11.62
N ASP A 37 13.46 13.07 -12.46
CA ASP A 37 14.14 14.31 -12.82
C ASP A 37 13.17 15.32 -13.44
N GLU A 38 12.28 14.83 -14.29
CA GLU A 38 11.30 15.71 -14.94
C GLU A 38 10.39 16.37 -13.92
N ILE A 39 9.87 15.56 -13.00
CA ILE A 39 8.99 16.07 -11.95
C ILE A 39 9.68 17.12 -11.08
N GLU A 40 10.93 16.87 -10.68
CA GLU A 40 11.68 17.85 -9.91
C GLU A 40 11.76 19.17 -10.67
N ASP A 41 12.22 19.10 -11.91
CA ASP A 41 12.43 20.30 -12.72
C ASP A 41 11.12 21.00 -13.11
N ALA A 42 10.05 20.22 -13.24
CA ALA A 42 8.74 20.80 -13.54
C ALA A 42 8.23 21.59 -12.35
N LEU A 43 8.71 21.26 -11.16
CA LEU A 43 8.33 21.98 -9.96
C LEU A 43 9.26 23.15 -9.67
N ARG A 44 10.55 22.98 -9.96
CA ARG A 44 11.51 24.04 -9.68
C ARG A 44 11.39 25.20 -10.67
N ASN A 45 11.54 24.90 -11.96
CA ASN A 45 11.43 25.93 -13.00
C ASN A 45 10.08 26.64 -12.94
N LEU A 46 9.08 25.97 -12.38
CA LEU A 46 7.79 26.58 -12.07
C LEU A 46 7.85 27.10 -10.64
N ASN A 47 8.26 28.35 -10.47
CA ASN A 47 8.63 28.87 -9.16
C ASN A 47 7.46 29.21 -8.24
N LEU A 48 6.91 28.21 -7.56
CA LEU A 48 5.85 28.42 -6.59
C LEU A 48 6.42 28.92 -5.25
N PRO A 49 6.00 30.12 -4.82
CA PRO A 49 6.48 30.73 -3.58
C PRO A 49 6.00 29.98 -2.35
N GLY A 50 6.88 29.85 -1.35
CA GLY A 50 6.54 29.15 -0.12
C GLY A 50 6.64 27.64 -0.26
N VAL A 51 6.72 27.19 -1.51
CA VAL A 51 6.82 25.76 -1.80
C VAL A 51 8.28 25.31 -1.78
N GLU A 52 8.56 24.29 -0.97
CA GLU A 52 9.90 23.74 -0.88
C GLU A 52 10.01 22.44 -1.67
N VAL A 53 11.00 22.37 -2.55
CA VAL A 53 11.23 21.15 -3.33
C VAL A 53 12.45 20.39 -2.82
N PHE A 54 12.29 19.08 -2.64
CA PHE A 54 13.35 18.24 -2.09
C PHE A 54 13.59 17.02 -2.95
N ARG A 55 14.84 16.79 -3.33
CA ARG A 55 15.20 15.63 -4.15
C ARG A 55 15.97 14.61 -3.32
N PHE A 56 15.37 13.43 -3.13
CA PHE A 56 15.94 12.39 -2.29
C PHE A 56 15.96 11.07 -3.07
N ASN A 57 17.15 10.65 -3.50
CA ASN A 57 17.26 9.55 -4.44
C ASN A 57 16.48 9.86 -5.71
N ASN A 58 15.54 8.99 -6.05
CA ASN A 58 14.61 9.27 -7.14
C ASN A 58 13.21 9.59 -6.62
N ASN A 59 13.15 10.04 -5.37
CA ASN A 59 11.90 10.55 -4.79
C ASN A 59 11.85 12.07 -4.93
N VAL A 60 10.65 12.60 -5.12
CA VAL A 60 10.46 14.05 -5.18
C VAL A 60 9.49 14.51 -4.11
N LEU A 61 9.99 15.27 -3.15
CA LEU A 61 9.13 15.80 -2.09
C LEU A 61 8.89 17.30 -2.26
N ALA A 62 7.76 17.77 -1.75
CA ALA A 62 7.40 19.18 -1.83
C ALA A 62 6.36 19.49 -0.75
N ARG A 63 6.55 20.63 -0.08
CA ARG A 63 5.63 21.03 0.98
C ARG A 63 5.42 22.54 1.02
N THR A 64 4.23 22.96 1.44
CA THR A 64 3.94 24.37 1.65
C THR A 64 3.91 24.63 3.15
N ASN A 65 4.20 25.87 3.55
CA ASN A 65 4.12 26.24 4.94
C ASN A 65 3.33 27.53 5.14
N ARG A 66 2.02 27.43 4.94
CA ARG A 66 1.11 28.57 5.06
C ARG A 66 0.55 28.63 6.47
N GLY A 67 1.35 28.26 7.46
CA GLY A 67 0.84 28.10 8.81
C GLY A 67 -0.26 27.05 8.79
N LEU A 68 -1.50 27.51 8.80
CA LEU A 68 -2.66 26.62 8.64
C LEU A 68 -2.79 25.53 9.71
N ALA A 69 -4.02 25.09 9.94
CA ALA A 69 -4.28 24.08 10.96
C ALA A 69 -3.83 22.70 10.50
N SER A 70 -4.78 21.94 9.95
CA SER A 70 -4.50 20.59 9.49
C SER A 70 -3.51 20.57 8.32
N ARG A 71 -3.03 19.37 7.99
CA ARG A 71 -2.13 19.18 6.86
C ARG A 71 -2.43 17.86 6.16
N VAL A 72 -2.52 17.91 4.84
CA VAL A 72 -2.82 16.70 4.07
C VAL A 72 -1.59 16.24 3.30
N LEU A 74 -0.10 14.09 0.18
CA LEU A 74 -0.40 13.49 -1.11
C LEU A 74 0.81 12.68 -1.57
N ALA A 75 0.67 11.36 -1.52
CA ALA A 75 1.76 10.47 -1.92
C ALA A 75 1.32 9.51 -3.02
N GLY A 76 2.28 9.12 -3.85
CA GLY A 76 2.06 8.14 -4.90
C GLY A 76 3.38 7.71 -5.50
N HIS A 77 3.48 6.46 -5.92
CA HIS A 77 4.73 5.96 -6.48
C HIS A 77 4.83 6.23 -7.99
N ILE A 78 6.02 6.57 -8.44
CA ILE A 78 6.23 6.95 -9.84
C ILE A 78 6.68 5.78 -10.71
N ASP A 79 6.98 4.65 -10.08
CA ASP A 79 7.46 3.48 -10.82
C ASP A 79 6.31 2.57 -11.23
N THR A 80 6.63 1.61 -12.11
CA THR A 80 5.63 0.67 -12.61
C THR A 80 6.19 -0.74 -12.61
N VAL A 81 5.34 -1.71 -12.91
CA VAL A 81 5.80 -3.07 -13.14
C VAL A 81 6.41 -3.13 -14.54
N PRO A 82 7.44 -3.96 -14.72
CA PRO A 82 8.14 -4.10 -16.00
C PRO A 82 7.20 -3.98 -17.19
N ILE A 83 7.49 -3.07 -18.10
CA ILE A 83 6.61 -2.80 -19.24
C ILE A 83 6.47 -4.01 -20.16
N ALA A 84 5.30 -4.14 -20.78
CA ALA A 84 5.02 -5.27 -21.66
C ALA A 84 4.19 -4.86 -22.88
N ASP A 85 4.86 -4.20 -23.83
CA ASP A 85 4.20 -3.76 -25.06
C ASP A 85 3.05 -2.79 -24.77
N ASN A 86 3.17 -2.04 -23.69
CA ASN A 86 2.13 -1.10 -23.29
C ASN A 86 2.56 0.37 -23.38
N LEU A 87 3.59 0.64 -24.18
CA LEU A 87 4.07 2.01 -24.36
C LEU A 87 4.52 2.26 -25.80
N PRO A 88 4.30 3.49 -26.29
CA PRO A 88 3.62 4.59 -25.59
C PRO A 88 2.11 4.38 -25.49
N SER A 89 1.42 5.36 -24.91
CA SER A 89 -0.01 5.25 -24.70
C SER A 89 -0.81 6.05 -25.72
N ARG A 90 -2.02 5.58 -26.02
CA ARG A 90 -2.92 6.28 -26.92
C ARG A 90 -4.37 6.14 -26.45
N VAL A 91 -5.07 7.26 -26.39
CA VAL A 91 -6.45 7.28 -25.91
C VAL A 91 -7.45 6.84 -26.99
N GLU A 92 -8.33 5.91 -26.64
CA GLU A 92 -9.27 5.35 -27.61
C GLU A 92 -10.73 5.64 -27.23
N ASP A 93 -11.19 6.83 -27.58
CA ASP A 93 -12.59 7.21 -27.37
C ASP A 93 -13.03 7.10 -25.91
N GLY A 94 -12.61 8.06 -25.09
CA GLY A 94 -13.06 8.14 -23.71
C GLY A 94 -12.21 7.37 -22.72
N ILE A 95 -11.36 6.47 -23.23
CA ILE A 95 -10.54 5.63 -22.35
C ILE A 95 -9.07 5.63 -22.80
N TYR A 97 -5.48 3.74 -22.86
CA TYR A 97 -4.79 2.46 -22.71
C TYR A 97 -3.29 2.71 -22.63
N GLY A 98 -2.60 1.91 -21.83
CA GLY A 98 -1.17 2.04 -21.65
C GLY A 98 -0.68 1.38 -20.38
N CYS A 99 0.60 1.60 -20.06
CA CYS A 99 1.20 1.01 -18.86
C CYS A 99 1.37 2.02 -17.75
N GLY A 100 0.70 1.80 -16.64
CA GLY A 100 0.76 2.69 -15.50
C GLY A 100 -0.45 3.61 -15.44
N THR A 101 -1.21 3.64 -16.53
CA THR A 101 -2.40 4.49 -16.61
C THR A 101 -3.32 4.28 -15.41
N VAL A 102 -3.29 3.08 -14.85
CA VAL A 102 -4.12 2.77 -13.69
C VAL A 102 -3.28 2.65 -12.42
N ASP A 103 -2.11 2.03 -12.54
CA ASP A 103 -1.24 1.86 -11.38
C ASP A 103 -0.43 3.12 -11.10
N LYS A 105 0.20 6.23 -12.10
CA LYS A 105 0.49 7.34 -13.02
C LYS A 105 -0.70 8.26 -13.27
N SER A 106 -1.91 7.73 -13.10
CA SER A 106 -3.11 8.56 -13.17
C SER A 106 -3.21 9.38 -11.90
N GLY A 107 -3.37 8.70 -10.77
CA GLY A 107 -3.42 9.36 -9.48
C GLY A 107 -2.23 10.27 -9.25
N LEU A 108 -1.06 9.83 -9.69
CA LEU A 108 0.16 10.64 -9.57
C LEU A 108 -0.01 11.95 -10.31
N ALA A 109 -0.55 11.87 -11.53
CA ALA A 109 -0.80 13.07 -12.31
C ALA A 109 -1.78 13.98 -11.58
N VAL A 110 -2.80 13.38 -10.98
CA VAL A 110 -3.80 14.14 -10.24
C VAL A 110 -3.22 14.77 -8.98
N TYR A 111 -2.52 13.98 -8.18
CA TYR A 111 -1.88 14.49 -6.97
C TYR A 111 -0.90 15.61 -7.27
N LEU A 112 -0.18 15.48 -8.38
CA LEU A 112 0.74 16.53 -8.82
C LEU A 112 -0.04 17.77 -9.23
N HIS A 113 -0.95 17.60 -10.18
CA HIS A 113 -1.75 18.71 -10.69
C HIS A 113 -2.33 19.54 -9.56
N THR A 114 -3.06 18.91 -8.65
CA THR A 114 -3.75 19.66 -7.60
C THR A 114 -2.77 20.39 -6.68
N PHE A 115 -1.60 19.81 -6.44
CA PHE A 115 -0.61 20.47 -5.59
C PHE A 115 -0.02 21.70 -6.29
N ALA A 116 0.18 21.61 -7.60
CA ALA A 116 0.71 22.72 -8.37
C ALA A 116 -0.24 23.91 -8.35
N THR A 117 -1.54 23.64 -8.33
CA THR A 117 -2.54 24.68 -8.40
C THR A 117 -2.80 25.33 -7.05
N LEU A 118 -3.15 24.52 -6.06
CA LEU A 118 -3.62 25.02 -4.77
C LEU A 118 -2.50 25.46 -3.81
N ALA A 119 -1.26 25.33 -4.25
CA ALA A 119 -0.13 25.67 -3.39
C ALA A 119 -0.06 27.17 -3.11
N THR A 120 -0.61 27.96 -4.02
CA THR A 120 -0.56 29.42 -3.91
C THR A 120 -1.97 30.02 -3.88
N SER A 121 -2.97 29.16 -3.88
CA SER A 121 -4.37 29.58 -3.82
C SER A 121 -4.74 29.95 -2.39
N THR A 122 -5.27 31.16 -2.22
CA THR A 122 -5.62 31.69 -0.91
C THR A 122 -6.76 30.92 -0.23
N GLU A 123 -7.36 30.00 -0.96
CA GLU A 123 -8.46 29.19 -0.43
C GLU A 123 -8.03 27.76 -0.13
N LEU A 124 -6.74 27.58 0.15
CA LEU A 124 -6.21 26.29 0.57
C LEU A 124 -6.39 26.14 2.08
N LYS A 125 -7.27 25.23 2.48
CA LYS A 125 -7.59 25.04 3.88
C LYS A 125 -6.55 24.20 4.65
N HIS A 126 -5.81 23.38 3.92
CA HIS A 126 -4.83 22.50 4.55
C HIS A 126 -3.44 22.68 3.95
N ASP A 127 -2.42 22.69 4.79
CA ASP A 127 -1.04 22.63 4.32
C ASP A 127 -0.88 21.37 3.50
N LEU A 128 -0.02 21.42 2.48
CA LEU A 128 0.16 20.25 1.63
C LEU A 128 1.60 19.74 1.60
N THR A 129 1.74 18.42 1.67
CA THR A 129 3.00 17.76 1.34
C THR A 129 2.73 16.82 0.18
N LEU A 130 3.62 16.83 -0.81
CA LEU A 130 3.51 15.92 -1.95
C LEU A 130 4.74 15.05 -2.04
N ILE A 131 4.55 13.73 -1.94
CA ILE A 131 5.66 12.80 -2.06
C ILE A 131 5.48 11.85 -3.24
N ALA A 132 6.31 12.06 -4.27
CA ALA A 132 6.34 11.15 -5.41
C ALA A 132 7.55 10.24 -5.28
N TYR A 133 7.32 9.01 -4.82
CA TYR A 133 8.42 8.12 -4.44
C TYR A 133 8.70 6.99 -5.44
N GLU A 134 9.82 6.30 -5.22
CA GLU A 134 10.33 5.30 -6.15
C GLU A 134 10.22 3.87 -5.62
N CYS A 135 10.51 2.92 -6.51
CA CYS A 135 10.67 1.51 -6.16
C CYS A 135 9.62 0.93 -5.19
N GLU A 136 8.35 1.13 -5.50
CA GLU A 136 7.28 0.55 -4.71
C GLU A 136 7.05 -0.90 -5.14
N GLU A 137 7.37 -1.18 -6.40
CA GLU A 137 7.15 -2.50 -6.99
C GLU A 137 8.36 -3.42 -6.78
N VAL A 138 8.77 -3.57 -5.53
CA VAL A 138 9.90 -4.42 -5.19
C VAL A 138 10.07 -4.52 -3.68
N ALA A 139 10.82 -5.53 -3.22
CA ALA A 139 11.00 -5.80 -1.79
C ALA A 139 11.12 -4.54 -0.93
N ASP A 140 10.54 -4.59 0.26
CA ASP A 140 10.59 -3.47 1.20
C ASP A 140 12.01 -3.27 1.73
N HIS A 141 12.91 -2.92 0.84
CA HIS A 141 14.26 -2.49 1.22
C HIS A 141 14.75 -1.52 0.16
N LEU A 142 13.85 -1.24 -0.80
CA LEU A 142 14.12 -0.29 -1.86
C LEU A 142 13.02 0.77 -1.87
N ASN A 143 11.98 0.52 -1.10
CA ASN A 143 10.80 1.40 -1.08
C ASN A 143 11.14 2.85 -0.75
N GLY A 144 10.74 3.76 -1.64
CA GLY A 144 11.00 5.17 -1.47
C GLY A 144 10.52 5.73 -0.14
N LEU A 145 9.23 5.51 0.16
CA LEU A 145 8.67 5.95 1.43
C LEU A 145 9.44 5.37 2.61
N GLY A 146 9.98 4.18 2.40
CA GLY A 146 10.75 3.50 3.43
C GLY A 146 11.97 4.28 3.86
N HIS A 147 12.82 4.64 2.90
CA HIS A 147 14.04 5.38 3.19
C HIS A 147 13.74 6.76 3.75
N ILE A 148 12.66 7.37 3.26
CA ILE A 148 12.23 8.66 3.77
C ILE A 148 11.89 8.58 5.26
N ARG A 149 11.10 7.59 5.63
CA ARG A 149 10.75 7.35 7.03
C ARG A 149 12.00 7.08 7.87
N ASP A 150 13.02 6.51 7.24
CA ASP A 150 14.24 6.13 7.96
C ASP A 150 15.22 7.28 8.14
N GLU A 151 15.27 8.18 7.17
CA GLU A 151 16.26 9.27 7.20
C GLU A 151 15.63 10.64 7.44
N HIS A 152 14.49 10.91 6.81
CA HIS A 152 13.81 12.19 6.99
C HIS A 152 12.34 12.00 7.34
N PRO A 153 12.07 11.49 8.55
CA PRO A 153 10.67 11.24 8.95
C PRO A 153 9.86 12.51 8.99
N GLU A 154 10.48 13.62 9.37
CA GLU A 154 9.78 14.90 9.50
C GLU A 154 8.94 15.25 8.27
N TRP A 155 9.39 14.80 7.10
CA TRP A 155 8.67 15.09 5.86
C TRP A 155 7.33 14.38 5.76
N LEU A 156 7.24 13.20 6.37
CA LEU A 156 6.01 12.41 6.35
C LEU A 156 4.91 13.06 7.20
N ALA A 157 5.32 13.91 8.13
CA ALA A 157 4.38 14.56 9.04
C ALA A 157 3.18 15.18 8.33
N ALA A 158 2.00 14.86 8.85
CA ALA A 158 0.74 15.36 8.31
C ALA A 158 -0.41 14.93 9.22
N ASP A 159 -1.59 15.46 8.97
CA ASP A 159 -2.77 15.12 9.77
C ASP A 159 -3.63 14.10 9.04
N LEU A 160 -3.42 13.99 7.73
CA LEU A 160 -4.09 12.97 6.92
C LEU A 160 -3.25 12.63 5.68
N ALA A 161 -3.15 11.34 5.37
CA ALA A 161 -2.38 10.91 4.21
C ALA A 161 -3.27 10.24 3.16
N LEU A 162 -3.03 10.57 1.90
CA LEU A 162 -3.80 10.00 0.79
C LEU A 162 -2.86 9.33 -0.23
N LEU A 163 -3.13 8.08 -0.54
CA LEU A 163 -2.31 7.34 -1.50
C LEU A 163 -3.03 7.19 -2.84
N GLY A 164 -2.33 7.51 -3.92
CA GLY A 164 -2.92 7.55 -5.25
C GLY A 164 -3.27 6.21 -5.86
N GLU A 165 -3.08 5.13 -5.10
CA GLU A 165 -3.42 3.79 -5.56
C GLU A 165 -4.78 3.76 -6.25
N PRO A 166 -4.89 3.01 -7.36
CA PRO A 166 -6.12 2.95 -8.14
C PRO A 166 -7.31 2.43 -7.35
N THR A 167 -8.31 3.27 -7.14
CA THR A 167 -9.53 2.88 -6.42
C THR A 167 -10.79 3.24 -7.20
N GLY A 168 -10.61 3.67 -8.45
CA GLY A 168 -11.72 4.04 -9.29
C GLY A 168 -12.60 5.13 -8.70
N GLY A 169 -11.97 6.17 -8.17
CA GLY A 169 -12.69 7.29 -7.60
C GLY A 169 -13.22 7.02 -6.21
N TRP A 170 -13.19 5.75 -5.80
CA TRP A 170 -13.67 5.37 -4.47
C TRP A 170 -12.61 5.61 -3.41
N ILE A 171 -13.04 5.70 -2.16
CA ILE A 171 -12.12 5.76 -1.05
C ILE A 171 -12.00 4.39 -0.39
N GLU A 172 -10.84 3.76 -0.53
CA GLU A 172 -10.57 2.50 0.15
C GLU A 172 -9.74 2.79 1.40
N ALA A 173 -10.44 2.92 2.54
CA ALA A 173 -9.86 3.46 3.76
C ALA A 173 -8.89 2.54 4.48
N GLY A 174 -7.78 3.12 4.92
CA GLY A 174 -6.77 2.38 5.65
C GLY A 174 -6.32 1.12 4.94
N CYS A 175 -5.80 0.17 5.73
CA CYS A 175 -5.41 -1.14 5.21
C CYS A 175 -5.16 -2.06 6.39
N GLN A 176 -5.18 -3.36 6.14
CA GLN A 176 -4.98 -4.35 7.19
C GLN A 176 -3.54 -4.80 7.31
N GLY A 177 -3.11 -5.07 8.53
CA GLY A 177 -1.76 -5.52 8.79
C GLY A 177 -1.47 -6.82 8.09
N ASN A 178 -0.19 -7.13 7.92
CA ASN A 178 0.21 -8.34 7.22
C ASN A 178 1.37 -9.07 7.90
N LEU A 179 1.12 -10.31 8.29
CA LEU A 179 2.11 -11.11 9.00
C LEU A 179 2.22 -12.50 8.40
N ARG A 180 3.44 -12.87 8.01
CA ARG A 180 3.72 -14.21 7.54
C ARG A 180 4.70 -14.92 8.46
N ILE A 181 4.27 -16.01 9.07
CA ILE A 181 5.12 -16.80 9.97
C ILE A 181 5.38 -18.17 9.35
N LYS A 182 6.61 -18.65 9.46
CA LYS A 182 6.96 -19.97 8.96
C LYS A 182 7.12 -20.96 10.12
N VAL A 183 6.13 -21.83 10.28
CA VAL A 183 6.19 -22.87 11.31
C VAL A 183 6.92 -24.10 10.80
N THR A 184 7.97 -24.52 11.51
CA THR A 184 8.75 -25.68 11.10
C THR A 184 8.77 -26.76 12.18
N ALA A 185 8.44 -27.99 11.79
CA ALA A 185 8.46 -29.12 12.72
C ALA A 185 9.62 -30.06 12.41
N HIS A 186 10.31 -30.49 13.47
CA HIS A 186 11.44 -31.41 13.31
C HIS A 186 11.13 -32.76 13.94
N GLY A 187 11.46 -33.82 13.21
CA GLY A 187 11.29 -35.18 13.70
C GLY A 187 12.53 -36.01 13.49
N VAL A 188 12.36 -37.31 13.25
CA VAL A 188 13.50 -38.17 12.94
C VAL A 188 13.12 -39.27 11.93
N ARG A 189 13.93 -39.40 10.88
CA ARG A 189 13.68 -40.35 9.81
C ARG A 189 13.59 -41.80 10.31
N ALA A 190 12.78 -42.60 9.62
CA ALA A 190 12.66 -44.02 9.90
C ALA A 190 11.86 -44.66 8.78
N HIS A 191 12.07 -45.95 8.56
CA HIS A 191 11.31 -46.67 7.55
C HIS A 191 9.83 -46.65 7.91
N SER A 192 8.97 -46.35 6.93
CA SER A 192 7.55 -46.16 7.20
C SER A 192 6.86 -47.43 7.71
N ALA A 193 7.57 -48.55 7.68
CA ALA A 193 7.04 -49.81 8.19
C ALA A 193 7.48 -50.02 9.64
N ARG A 194 8.43 -49.20 10.07
CA ARG A 194 8.90 -49.20 11.45
C ARG A 194 8.77 -47.80 12.04
N SER A 195 7.64 -47.16 11.76
CA SER A 195 7.40 -45.76 12.12
C SER A 195 7.77 -45.42 13.57
N TRP A 196 7.62 -46.39 14.47
CA TRP A 196 7.87 -46.16 15.88
C TRP A 196 9.34 -45.89 16.18
N LEU A 197 10.22 -46.31 15.30
CA LEU A 197 11.66 -46.10 15.47
C LEU A 197 12.03 -44.64 15.22
N GLY A 198 11.15 -43.92 14.57
CA GLY A 198 11.37 -42.52 14.29
C GLY A 198 10.24 -41.64 14.80
N ASP A 199 10.23 -40.39 14.37
CA ASP A 199 9.22 -39.44 14.80
C ASP A 199 8.72 -38.62 13.61
N ASN A 200 7.47 -38.81 13.24
CA ASN A 200 6.91 -38.15 12.07
C ASN A 200 6.75 -36.64 12.25
N ALA A 201 7.65 -35.89 11.62
CA ALA A 201 7.65 -34.43 11.71
C ALA A 201 6.33 -33.85 11.23
N HIS A 203 3.33 -35.06 11.27
CA HIS A 203 2.22 -35.26 12.21
C HIS A 203 2.26 -34.23 13.33
N LYS A 204 3.43 -33.65 13.57
CA LYS A 204 3.60 -32.65 14.63
C LYS A 204 2.87 -31.35 14.33
N LEU A 205 2.57 -31.10 13.05
CA LEU A 205 1.88 -29.89 12.67
C LEU A 205 0.38 -30.06 12.75
N SER A 206 -0.06 -31.28 13.05
CA SER A 206 -1.48 -31.60 13.07
C SER A 206 -2.29 -30.74 14.04
N PRO A 207 -1.80 -30.55 15.28
CA PRO A 207 -2.53 -29.72 16.24
C PRO A 207 -2.56 -28.24 15.82
N ILE A 208 -1.42 -27.72 15.39
CA ILE A 208 -1.33 -26.34 14.91
C ILE A 208 -2.21 -26.13 13.69
N ILE A 209 -2.17 -27.07 12.75
CA ILE A 209 -3.01 -27.00 11.56
C ILE A 209 -4.48 -26.96 11.95
N SER A 210 -4.86 -27.83 12.90
CA SER A 210 -6.25 -27.91 13.32
C SER A 210 -6.78 -26.59 13.88
N LYS A 211 -5.99 -25.95 14.73
CA LYS A 211 -6.38 -24.67 15.30
C LYS A 211 -6.57 -23.63 14.20
N VAL A 212 -5.69 -23.65 13.20
CA VAL A 212 -5.79 -22.72 12.08
C VAL A 212 -7.05 -22.94 11.26
N ALA A 213 -7.36 -24.20 10.96
CA ALA A 213 -8.54 -24.52 10.16
C ALA A 213 -9.83 -24.29 10.96
N ALA A 214 -9.70 -24.24 12.29
CA ALA A 214 -10.84 -24.05 13.16
C ALA A 214 -11.00 -22.59 13.53
N TYR A 215 -9.91 -21.83 13.41
CA TYR A 215 -9.91 -20.41 13.75
C TYR A 215 -10.89 -19.65 12.88
N LYS A 216 -11.79 -18.92 13.53
CA LYS A 216 -12.69 -18.00 12.83
C LYS A 216 -12.14 -16.58 12.97
N ALA A 217 -11.78 -15.98 11.83
CA ALA A 217 -11.15 -14.66 11.81
C ALA A 217 -11.92 -13.61 12.60
N ALA A 218 -11.20 -12.91 13.47
CA ALA A 218 -11.78 -11.80 14.24
C ALA A 218 -12.24 -10.66 13.31
N GLU A 219 -13.18 -9.85 13.77
CA GLU A 219 -13.81 -8.83 12.94
C GLU A 219 -14.09 -7.56 13.74
N VAL A 220 -13.72 -6.41 13.19
CA VAL A 220 -13.84 -5.15 13.93
C VAL A 220 -14.42 -4.00 13.11
N ASN A 221 -15.28 -3.19 13.74
CA ASN A 221 -15.83 -1.99 13.11
C ASN A 221 -15.02 -0.74 13.43
N ILE A 222 -14.73 0.05 12.40
CA ILE A 222 -14.01 1.31 12.59
C ILE A 222 -14.55 2.43 11.70
N ASP A 223 -15.06 3.47 12.34
CA ASP A 223 -15.58 4.65 11.65
C ASP A 223 -16.67 4.29 10.65
N GLY A 224 -17.51 3.33 11.01
CA GLY A 224 -18.62 2.92 10.17
C GLY A 224 -18.19 1.84 9.19
N LEU A 225 -16.89 1.60 9.12
CA LEU A 225 -16.34 0.56 8.26
C LEU A 225 -16.13 -0.73 9.04
N THR A 226 -16.12 -1.84 8.33
CA THR A 226 -15.96 -3.14 8.98
C THR A 226 -14.80 -3.93 8.37
N TYR A 227 -13.79 -4.19 9.19
CA TYR A 227 -12.60 -4.93 8.76
C TYR A 227 -12.67 -6.38 9.26
N ARG A 228 -12.34 -7.33 8.39
CA ARG A 228 -12.33 -8.74 8.76
C ARG A 228 -10.93 -9.34 8.56
N GLU A 229 -10.46 -10.07 9.56
CA GLU A 229 -9.12 -10.63 9.52
C GLU A 229 -9.02 -11.92 8.72
N GLY A 230 -7.79 -12.38 8.50
CA GLY A 230 -7.56 -13.59 7.74
C GLY A 230 -6.39 -14.40 8.29
N LEU A 231 -6.65 -15.68 8.56
CA LEU A 231 -5.60 -16.57 9.02
C LEU A 231 -5.60 -17.84 8.17
N ASN A 232 -4.64 -17.93 7.25
CA ASN A 232 -4.60 -19.06 6.34
C ASN A 232 -3.22 -19.68 6.15
N ILE A 233 -3.20 -21.00 6.02
CA ILE A 233 -2.01 -21.70 5.60
C ILE A 233 -1.91 -21.54 4.09
N VAL A 234 -0.77 -21.04 3.63
CA VAL A 234 -0.62 -20.73 2.21
C VAL A 234 0.45 -21.59 1.57
N PHE A 235 1.28 -22.21 2.40
CA PHE A 235 2.32 -23.13 1.93
C PHE A 235 2.55 -24.27 2.93
N CYS A 236 2.51 -25.50 2.45
CA CYS A 236 2.74 -26.66 3.31
C CYS A 236 3.55 -27.72 2.54
N GLU A 237 4.78 -27.94 2.97
CA GLU A 237 5.68 -28.86 2.28
C GLU A 237 6.31 -29.86 3.25
N SER A 238 6.17 -31.15 2.94
CA SER A 238 6.76 -32.19 3.77
C SER A 238 6.85 -33.53 3.04
N GLY A 239 7.93 -34.26 3.26
CA GLY A 239 8.09 -35.57 2.67
C GLY A 239 9.40 -35.76 1.95
N VAL A 240 9.96 -36.97 2.04
CA VAL A 240 11.23 -37.26 1.40
C VAL A 240 11.16 -38.56 0.61
N ALA A 241 10.26 -39.46 1.00
CA ALA A 241 10.05 -40.71 0.27
C ALA A 241 8.77 -41.40 0.74
N ASN A 242 8.20 -42.24 -0.11
CA ASN A 242 6.97 -42.94 0.24
C ASN A 242 7.14 -43.95 1.37
N ASN A 243 8.38 -44.37 1.59
CA ASN A 243 8.68 -45.34 2.64
C ASN A 243 9.57 -44.77 3.73
N VAL A 244 9.58 -43.46 3.86
CA VAL A 244 10.38 -42.81 4.89
C VAL A 244 9.58 -41.82 5.73
N ILE A 245 9.58 -42.05 7.03
CA ILE A 245 8.99 -41.10 7.96
C ILE A 245 9.72 -39.76 7.84
N PRO A 246 8.99 -38.71 7.43
CA PRO A 246 9.62 -37.40 7.25
C PRO A 246 10.13 -36.82 8.57
N ASP A 247 11.34 -36.29 8.56
CA ASP A 247 11.95 -35.67 9.73
C ASP A 247 11.78 -34.16 9.70
N LEU A 248 11.30 -33.64 8.58
CA LEU A 248 11.15 -32.20 8.40
C LEU A 248 9.82 -31.83 7.73
N ALA A 249 9.17 -30.82 8.28
CA ALA A 249 7.92 -30.31 7.73
C ALA A 249 7.75 -28.85 8.10
N TRP A 250 7.34 -28.03 7.13
CA TRP A 250 7.17 -26.59 7.37
C TRP A 250 5.89 -26.01 6.74
N ASN A 252 3.58 -22.06 5.92
CA ASN A 252 3.54 -20.62 5.86
C ASN A 252 2.16 -20.11 6.27
N LEU A 253 2.09 -19.47 7.44
CA LEU A 253 0.86 -18.88 7.91
C LEU A 253 0.83 -17.42 7.50
N ASN A 254 -0.28 -16.99 6.91
CA ASN A 254 -0.46 -15.58 6.55
C ASN A 254 -1.58 -14.97 7.37
N PHE A 255 -1.22 -14.08 8.29
CA PHE A 255 -2.21 -13.44 9.14
C PHE A 255 -2.47 -11.99 8.74
N ARG A 256 -3.73 -11.68 8.42
CA ARG A 256 -4.13 -10.31 8.08
C ARG A 256 -4.95 -9.71 9.22
N PHE A 257 -4.39 -8.72 9.91
CA PHE A 257 -5.04 -8.17 11.10
C PHE A 257 -5.57 -6.76 10.91
N ALA A 258 -6.69 -6.46 11.58
CA ALA A 258 -7.32 -5.15 11.52
C ALA A 258 -6.39 -4.06 12.06
N PRO A 259 -6.51 -2.84 11.51
CA PRO A 259 -5.63 -1.72 11.84
C PRO A 259 -5.65 -1.30 13.32
N ASN A 260 -6.49 -1.95 14.14
CA ASN A 260 -6.45 -1.69 15.58
C ASN A 260 -5.35 -2.47 16.31
N ARG A 261 -4.67 -3.34 15.57
CA ARG A 261 -3.54 -4.10 16.09
C ARG A 261 -2.21 -3.59 15.50
N ASP A 262 -1.13 -3.74 16.26
CA ASP A 262 0.20 -3.49 15.72
C ASP A 262 0.99 -4.80 15.65
N LEU A 263 2.01 -4.84 14.81
CA LEU A 263 2.77 -6.07 14.57
C LEU A 263 2.98 -6.91 15.82
N ASN A 264 3.54 -6.30 16.87
CA ASN A 264 3.80 -7.02 18.11
C ASN A 264 2.56 -7.68 18.69
N GLU A 265 1.41 -7.04 18.53
CA GLU A 265 0.15 -7.61 18.97
C GLU A 265 -0.30 -8.72 18.04
N ALA A 266 -0.18 -8.47 16.73
CA ALA A 266 -0.55 -9.46 15.72
C ALA A 266 0.25 -10.75 15.92
N ILE A 267 1.56 -10.59 16.11
CA ILE A 267 2.43 -11.72 16.34
C ILE A 267 2.04 -12.47 17.60
N GLU A 268 1.88 -11.73 18.71
CA GLU A 268 1.55 -12.33 19.99
C GLU A 268 0.23 -13.09 19.93
N HIS A 269 -0.71 -12.58 19.14
CA HIS A 269 -2.01 -13.22 18.99
C HIS A 269 -1.88 -14.57 18.28
N VAL A 270 -1.12 -14.58 17.20
CA VAL A 270 -0.90 -15.82 16.45
C VAL A 270 -0.17 -16.83 17.29
N VAL A 271 0.90 -16.39 17.95
CA VAL A 271 1.74 -17.27 18.76
C VAL A 271 0.98 -17.85 19.96
N GLU A 272 0.12 -17.06 20.58
CA GLU A 272 -0.68 -17.56 21.70
C GLU A 272 -1.77 -18.52 21.23
N THR A 273 -2.54 -18.08 20.23
CA THR A 273 -3.68 -18.86 19.74
C THR A 273 -3.28 -20.23 19.17
N LEU A 274 -2.10 -20.30 18.57
CA LEU A 274 -1.64 -21.55 17.97
C LEU A 274 -0.64 -22.27 18.88
N GLU A 275 -0.31 -21.65 20.01
CA GLU A 275 0.62 -22.23 20.97
C GLU A 275 1.93 -22.63 20.27
N LEU A 276 2.54 -21.66 19.59
CA LEU A 276 3.78 -21.90 18.86
C LEU A 276 4.98 -22.11 19.78
N ASP A 277 4.90 -21.56 20.99
CA ASP A 277 5.90 -21.84 22.01
C ASP A 277 5.35 -22.89 22.95
N GLY A 278 6.21 -23.82 23.37
CA GLY A 278 5.79 -24.88 24.26
C GLY A 278 5.72 -26.23 23.57
N GLN A 279 5.28 -26.23 22.31
CA GLN A 279 5.24 -27.46 21.53
C GLN A 279 6.65 -27.90 21.16
N ASP A 280 7.05 -29.05 21.70
CA ASP A 280 8.41 -29.56 21.53
C ASP A 280 8.69 -29.99 20.09
N GLY A 281 9.83 -29.56 19.56
CA GLY A 281 10.24 -29.94 18.22
C GLY A 281 9.72 -29.00 17.14
N ILE A 282 8.99 -27.97 17.57
CA ILE A 282 8.44 -26.99 16.64
C ILE A 282 9.06 -25.61 16.84
N GLU A 283 9.67 -25.09 15.76
CA GLU A 283 10.22 -23.75 15.77
C GLU A 283 9.42 -22.88 14.81
N TRP A 284 9.28 -21.60 15.15
CA TRP A 284 8.59 -20.65 14.28
C TRP A 284 9.40 -19.37 14.15
N ALA A 285 9.15 -18.63 13.08
CA ALA A 285 9.86 -17.38 12.84
C ALA A 285 9.06 -16.49 11.91
N VAL A 286 9.18 -15.18 12.09
CA VAL A 286 8.50 -14.21 11.25
C VAL A 286 9.31 -13.95 9.98
N GLU A 287 8.71 -14.17 8.82
CA GLU A 287 9.37 -13.93 7.55
C GLU A 287 9.07 -12.54 7.02
N ASP A 288 7.89 -12.02 7.35
CA ASP A 288 7.53 -10.67 6.96
C ASP A 288 6.43 -10.12 7.87
N GLY A 289 6.56 -8.86 8.23
CA GLY A 289 5.56 -8.20 9.06
C GLY A 289 5.32 -6.78 8.57
N ALA A 290 4.12 -6.27 8.84
CA ALA A 290 3.75 -4.94 8.40
C ALA A 290 2.57 -4.41 9.20
N GLY A 291 2.59 -3.11 9.48
CA GLY A 291 1.53 -2.49 10.24
C GLY A 291 0.27 -2.27 9.43
N GLY A 292 -0.85 -2.09 10.12
CA GLY A 292 -2.10 -1.74 9.48
C GLY A 292 -2.19 -0.24 9.30
N ALA A 293 -3.35 0.24 8.89
CA ALA A 293 -3.55 1.67 8.67
C ALA A 293 -4.97 2.10 9.03
N LEU A 294 -5.07 3.01 10.01
CA LEU A 294 -6.36 3.54 10.42
C LEU A 294 -6.82 4.64 9.48
N PRO A 295 -8.10 4.63 9.11
CA PRO A 295 -8.69 5.61 8.20
C PRO A 295 -8.96 6.96 8.86
N GLY A 296 -9.27 6.94 10.16
CA GLY A 296 -9.55 8.15 10.90
C GLY A 296 -10.59 9.05 10.26
N LEU A 297 -11.66 8.43 9.75
CA LEU A 297 -12.71 9.17 9.06
C LEU A 297 -13.49 10.08 10.01
N GLY A 298 -13.44 9.75 11.29
CA GLY A 298 -14.17 10.52 12.29
C GLY A 298 -13.46 11.76 12.77
N GLN A 299 -12.54 12.27 11.95
CA GLN A 299 -11.79 13.47 12.30
C GLN A 299 -12.10 14.63 11.36
N GLN A 300 -12.04 15.84 11.90
CA GLN A 300 -12.37 17.04 11.13
C GLN A 300 -11.46 17.20 9.92
N VAL A 301 -10.19 16.83 10.10
CA VAL A 301 -9.22 16.89 9.02
C VAL A 301 -9.76 16.16 7.79
N THR A 302 -10.66 15.22 8.02
CA THR A 302 -11.18 14.36 6.97
C THR A 302 -12.58 14.76 6.53
N SER A 303 -13.31 15.43 7.41
CA SER A 303 -14.70 15.81 7.16
C SER A 303 -14.97 16.17 5.71
N GLY A 304 -14.24 17.15 5.19
CA GLY A 304 -14.43 17.61 3.83
C GLY A 304 -14.40 16.51 2.79
N LEU A 305 -13.39 15.64 2.88
CA LEU A 305 -13.17 14.61 1.86
C LEU A 305 -14.31 13.60 1.81
N ILE A 306 -14.81 13.23 2.98
CA ILE A 306 -15.95 12.32 3.05
C ILE A 306 -17.14 12.89 2.28
N ASP A 307 -17.35 14.19 2.41
CA ASP A 307 -18.45 14.88 1.73
C ASP A 307 -18.27 14.94 0.21
N ALA A 308 -17.05 15.23 -0.21
CA ALA A 308 -16.77 15.38 -1.65
C ALA A 308 -16.74 14.04 -2.37
N VAL A 309 -16.92 12.95 -1.64
CA VAL A 309 -16.92 11.62 -2.24
C VAL A 309 -18.24 10.90 -1.98
N GLY A 310 -18.77 11.03 -0.77
CA GLY A 310 -20.03 10.41 -0.40
C GLY A 310 -19.82 9.22 0.51
N ARG A 311 -20.55 9.20 1.63
CA ARG A 311 -20.40 8.13 2.61
C ARG A 311 -20.65 6.75 2.04
N GLU A 312 -21.31 6.68 0.89
CA GLU A 312 -21.66 5.40 0.28
C GLU A 312 -20.72 5.03 -0.87
N LYS A 313 -19.54 5.65 -0.89
CA LYS A 313 -18.51 5.32 -1.87
C LYS A 313 -17.19 5.09 -1.14
N ILE A 314 -17.29 4.69 0.13
CA ILE A 314 -16.12 4.45 0.97
C ILE A 314 -16.19 3.07 1.61
N ARG A 315 -15.29 2.19 1.20
CA ARG A 315 -15.21 0.83 1.76
C ARG A 315 -13.85 0.63 2.43
N ALA A 316 -13.68 -0.49 3.13
CA ALA A 316 -12.43 -0.78 3.81
C ALA A 316 -11.45 -1.55 2.91
N LYS A 317 -10.16 -1.21 3.00
CA LYS A 317 -9.13 -1.91 2.26
C LYS A 317 -8.62 -3.09 3.06
N PHE A 318 -8.85 -4.30 2.55
CA PHE A 318 -8.45 -5.51 3.26
C PHE A 318 -7.01 -5.88 2.94
N GLY A 319 -6.52 -5.45 1.79
CA GLY A 319 -5.16 -5.73 1.39
C GLY A 319 -4.14 -4.95 2.20
N TRP A 320 -3.01 -4.65 1.59
CA TRP A 320 -1.97 -3.86 2.23
C TRP A 320 -1.33 -2.88 1.24
N THR A 321 -1.23 -1.62 1.61
CA THR A 321 -0.59 -0.62 0.77
C THR A 321 0.43 0.17 1.59
N ASP A 322 1.20 1.02 0.94
CA ASP A 322 2.18 1.86 1.64
C ASP A 322 1.48 2.82 2.59
N VAL A 323 0.15 2.81 2.53
CA VAL A 323 -0.68 3.58 3.44
C VAL A 323 -0.33 3.31 4.90
N SER A 324 0.18 2.12 5.18
CA SER A 324 0.54 1.76 6.54
C SER A 324 1.77 2.52 7.04
N ARG A 325 2.67 2.85 6.11
CA ARG A 325 3.91 3.53 6.47
C ARG A 325 3.62 4.87 7.14
N PHE A 326 2.47 5.46 6.80
CA PHE A 326 2.04 6.70 7.42
C PHE A 326 1.36 6.44 8.76
N SER A 327 0.44 5.48 8.78
CA SER A 327 -0.28 5.12 10.00
C SER A 327 0.70 4.69 11.10
N ALA A 328 1.88 4.21 10.69
CA ALA A 328 2.92 3.87 11.64
C ALA A 328 3.44 5.13 12.29
N GLY A 330 1.67 7.49 12.95
CA GLY A 330 0.54 8.01 13.69
C GLY A 330 -0.33 8.91 12.84
N ILE A 331 -0.38 8.64 11.55
CA ILE A 331 -1.12 9.46 10.60
C ILE A 331 -2.19 8.66 9.88
N PRO A 332 -3.47 9.01 10.09
CA PRO A 332 -4.57 8.38 9.34
C PRO A 332 -4.30 8.43 7.85
N ALA A 333 -4.68 7.38 7.13
CA ALA A 333 -4.39 7.31 5.70
C ALA A 333 -5.46 6.57 4.91
N LEU A 334 -5.71 7.02 3.68
CA LEU A 334 -6.73 6.45 2.83
C LEU A 334 -6.16 6.15 1.44
N ASN A 335 -6.80 5.23 0.73
CA ASN A 335 -6.45 4.95 -0.65
C ASN A 335 -7.47 5.60 -1.58
N PHE A 336 -7.01 6.54 -2.40
CA PHE A 336 -7.88 7.31 -3.26
C PHE A 336 -7.19 7.61 -4.59
N GLY A 337 -7.58 6.88 -5.64
CA GLY A 337 -6.95 7.03 -6.94
C GLY A 337 -7.90 6.80 -8.09
N ALA A 338 -7.37 6.83 -9.31
CA ALA A 338 -8.18 6.63 -10.50
C ALA A 338 -7.88 5.29 -11.14
N GLY A 339 -8.75 4.86 -12.04
CA GLY A 339 -8.59 3.57 -12.71
C GLY A 339 -9.10 2.43 -11.84
N ASP A 340 -9.65 1.41 -12.48
CA ASP A 340 -10.18 0.25 -11.76
C ASP A 340 -9.03 -0.52 -11.08
N PRO A 341 -9.25 -0.97 -9.83
CA PRO A 341 -8.23 -1.71 -9.08
C PRO A 341 -7.68 -2.90 -9.87
N SER A 342 -8.51 -3.48 -10.74
CA SER A 342 -8.03 -4.48 -11.69
C SER A 342 -7.14 -3.78 -12.71
N PHE A 343 -6.79 -4.47 -13.79
CA PHE A 343 -5.84 -3.92 -14.75
C PHE A 343 -4.57 -3.49 -14.01
N ALA A 344 -4.44 -3.94 -12.77
CA ALA A 344 -3.34 -3.51 -11.90
C ALA A 344 -1.99 -3.70 -12.58
N HIS A 345 -1.57 -4.96 -12.72
CA HIS A 345 -0.34 -5.28 -13.40
C HIS A 345 -0.65 -6.03 -14.69
N LYS A 346 -1.91 -5.94 -15.11
CA LYS A 346 -2.37 -6.60 -16.32
C LYS A 346 -1.78 -5.94 -17.57
N ARG A 347 -1.45 -6.75 -18.57
CA ARG A 347 -0.81 -6.26 -19.78
C ARG A 347 -1.78 -5.51 -20.69
N ASP A 348 -2.56 -4.60 -20.11
CA ASP A 348 -3.50 -3.78 -20.87
C ASP A 348 -4.25 -2.80 -19.97
N GLU A 349 -3.51 -2.09 -19.11
CA GLU A 349 -4.12 -1.17 -18.18
C GLU A 349 -5.13 -0.24 -18.85
N GLN A 350 -6.39 -0.39 -18.46
CA GLN A 350 -7.45 0.46 -18.99
C GLN A 350 -7.89 1.47 -17.93
N CYS A 351 -7.73 2.75 -18.25
CA CYS A 351 -8.18 3.80 -17.35
C CYS A 351 -9.15 4.75 -18.05
N PRO A 352 -10.42 4.71 -17.65
CA PRO A 352 -11.41 5.66 -18.15
C PRO A 352 -10.92 7.09 -17.96
N VAL A 353 -10.63 7.77 -19.08
CA VAL A 353 -10.07 9.11 -19.05
C VAL A 353 -10.89 10.06 -18.19
N GLU A 354 -12.17 9.71 -17.97
CA GLU A 354 -13.06 10.55 -17.19
C GLU A 354 -12.64 10.64 -15.72
N GLN A 355 -12.35 9.48 -15.11
CA GLN A 355 -12.00 9.43 -13.70
C GLN A 355 -10.83 10.34 -13.32
N ILE A 356 -9.97 10.63 -14.30
CA ILE A 356 -8.84 11.53 -14.07
C ILE A 356 -9.32 12.89 -13.56
N THR A 357 -10.33 13.44 -14.24
CA THR A 357 -10.87 14.75 -13.86
C THR A 357 -11.82 14.66 -12.66
N ASP A 358 -12.53 13.55 -12.54
CA ASP A 358 -13.42 13.33 -11.39
C ASP A 358 -12.64 13.46 -10.09
N VAL A 359 -11.53 12.71 -10.00
CA VAL A 359 -10.68 12.72 -8.83
C VAL A 359 -10.10 14.12 -8.56
N ALA A 360 -9.51 14.72 -9.59
CA ALA A 360 -8.93 16.05 -9.48
C ALA A 360 -9.97 17.05 -8.99
N ALA A 361 -11.22 16.85 -9.40
CA ALA A 361 -12.31 17.71 -8.97
C ALA A 361 -12.60 17.51 -7.50
N ILE A 362 -12.75 16.25 -7.10
CA ILE A 362 -13.02 15.91 -5.70
C ILE A 362 -11.97 16.54 -4.78
N LEU A 363 -10.71 16.43 -5.16
CA LEU A 363 -9.61 16.96 -4.35
C LEU A 363 -9.71 18.46 -4.14
N LYS A 364 -10.03 19.22 -5.18
CA LYS A 364 -10.21 20.66 -5.04
C LYS A 364 -11.33 20.97 -4.07
N GLN A 365 -12.48 20.32 -4.24
CA GLN A 365 -13.62 20.52 -3.36
C GLN A 365 -13.25 20.22 -1.90
N TYR A 366 -12.40 19.22 -1.71
CA TYR A 366 -11.97 18.83 -0.36
C TYR A 366 -10.97 19.83 0.22
N LEU A 367 -10.02 20.25 -0.61
CA LEU A 367 -8.93 21.11 -0.14
C LEU A 367 -9.27 22.61 -0.20
N SER A 368 -10.49 22.93 -0.64
CA SER A 368 -10.93 24.33 -0.75
C SER A 368 -12.05 24.70 0.22
N GLU A 369 -12.75 23.69 0.74
CA GLU A 369 -13.83 23.95 1.69
C GLU A 369 -13.32 24.02 3.13
#